data_8C6H
#
_entry.id   8C6H
#
_cell.length_a   103.900
_cell.length_b   103.900
_cell.length_c   52.190
_cell.angle_alpha   90.000
_cell.angle_beta   90.000
_cell.angle_gamma   90.000
#
_symmetry.space_group_name_H-M   'P 41'
#
loop_
_entity.id
_entity.type
_entity.pdbx_description
1 polymer Cryptochrome-1
2 non-polymer 'FLAVIN-ADENINE DINUCLEOTIDE'
3 non-polymer GLYCEROL
4 water water
#
_entity_poly.entity_id   1
_entity_poly.type   'polypeptide(L)'
_entity_poly.pdbx_seq_one_letter_code
;RSTLVHWFRKGLRLHDNPALSHIFTAANAAPGRYFVRPIFILDPGILDWMQVGANRWRFLQQTLEDLDNQLRKLNSRLFV
VRGKPAEVFPRIFKSWRVEMLTFETDIEPYSVTRDAAVQKLAKAEGVRVETHCSHTIYNPELVIAKNLGKAPITYQKFLG
IVEQLKVPKVLGVPEKLKNMPTPPKDEVEQKDSAAYDCPTMKQLVKRPEELGPNKFPGGETEALRRMEESLKDEIWVARF
EKPNTAPNSLEPSTTVLSPYLKFGCLSARLFNQKLKEIIKRQPKHSQPPVSLIGQLMWREFYYTVAAAEPNFDRMLGNVY
CMQIPWQEHPDHLEAWTHGRTGYPFIDAIMRQLRQEGWIHHLARHAVACFLTRGDLWISWEEGQRVFEQLLLDQDWALNA
GNWMWLSASAFFHQYFRVYSPVAFGKKTDPQGHYIRKYVPELSKYPAGCIYEPWKASLVDQRAYGCVLGTDYPHRIVKHE
VVHKENIKRMGAAYKVNREV
;
_entity_poly.pdbx_strand_id   A
#
loop_
_chem_comp.id
_chem_comp.type
_chem_comp.name
_chem_comp.formula
FAD non-polymer 'FLAVIN-ADENINE DINUCLEOTIDE' 'C27 H33 N9 O15 P2'
GOL non-polymer GLYCEROL 'C3 H8 O3'
#
# COMPACT_ATOMS: atom_id res chain seq x y z
N ARG A 1 16.37 -36.05 -9.34
CA ARG A 1 15.21 -35.19 -9.46
C ARG A 1 15.52 -33.78 -8.94
N SER A 2 15.23 -32.78 -9.75
CA SER A 2 15.52 -31.39 -9.41
C SER A 2 14.23 -30.61 -9.13
N THR A 3 14.38 -29.47 -8.48
CA THR A 3 13.25 -28.70 -7.97
C THR A 3 13.07 -27.40 -8.75
N LEU A 4 11.83 -27.09 -9.08
CA LEU A 4 11.44 -25.79 -9.61
C LEU A 4 10.83 -24.99 -8.47
N VAL A 5 11.23 -23.73 -8.37
CA VAL A 5 10.93 -22.92 -7.20
C VAL A 5 10.30 -21.61 -7.64
N HIS A 6 9.07 -21.35 -7.20
CA HIS A 6 8.49 -20.02 -7.32
C HIS A 6 8.69 -19.29 -6.00
N TRP A 7 9.11 -18.04 -6.08
CA TRP A 7 9.45 -17.25 -4.90
C TRP A 7 8.41 -16.13 -4.78
N PHE A 8 7.48 -16.30 -3.83
CA PHE A 8 6.54 -15.24 -3.51
C PHE A 8 7.24 -14.16 -2.70
N ARG A 9 7.02 -12.91 -3.09
CA ARG A 9 7.39 -11.76 -2.26
C ARG A 9 6.18 -10.84 -2.22
N LYS A 10 5.93 -10.16 -3.33
CA LYS A 10 4.59 -9.69 -3.61
C LYS A 10 3.92 -10.75 -4.50
N GLY A 11 2.91 -10.36 -5.27
CA GLY A 11 2.22 -11.35 -6.08
C GLY A 11 1.75 -12.55 -5.28
N LEU A 12 1.19 -12.31 -4.09
CA LEU A 12 0.74 -13.38 -3.21
C LEU A 12 -0.63 -13.87 -3.68
N ARG A 13 -0.62 -14.53 -4.84
CA ARG A 13 -1.85 -14.99 -5.47
C ARG A 13 -1.52 -16.17 -6.38
N LEU A 14 -2.55 -16.98 -6.64
CA LEU A 14 -2.46 -17.99 -7.68
C LEU A 14 -2.84 -17.43 -9.06
N HIS A 15 -3.85 -16.57 -9.13
CA HIS A 15 -4.35 -16.07 -10.41
C HIS A 15 -3.44 -15.03 -11.02
N ASP A 16 -3.53 -14.91 -12.34
CA ASP A 16 -2.75 -13.97 -13.13
C ASP A 16 -1.33 -13.83 -12.59
N ASN A 17 -0.62 -14.96 -12.57
CA ASN A 17 0.71 -15.06 -11.98
C ASN A 17 1.58 -15.84 -12.95
N PRO A 18 2.16 -15.17 -13.95
CA PRO A 18 2.97 -15.89 -14.96
C PRO A 18 4.15 -16.63 -14.37
N ALA A 19 4.92 -15.98 -13.50
CA ALA A 19 6.07 -16.64 -12.89
C ALA A 19 5.66 -17.95 -12.23
N LEU A 20 4.51 -17.97 -11.53
CA LEU A 20 4.09 -19.19 -10.86
C LEU A 20 3.43 -20.19 -11.82
N SER A 21 2.74 -19.68 -12.83
CA SER A 21 2.09 -20.56 -13.81
C SER A 21 3.12 -21.33 -14.63
N HIS A 22 4.23 -20.68 -14.99
CA HIS A 22 5.25 -21.36 -15.78
C HIS A 22 5.84 -22.53 -15.00
N ILE A 23 6.18 -22.31 -13.73
CA ILE A 23 6.67 -23.39 -12.87
C ILE A 23 5.71 -24.58 -12.92
N PHE A 24 4.40 -24.31 -12.83
CA PHE A 24 3.44 -25.41 -12.69
C PHE A 24 3.28 -26.15 -14.02
N THR A 25 3.21 -25.42 -15.12
CA THR A 25 3.12 -26.06 -16.43
C THR A 25 4.35 -26.91 -16.72
N ALA A 26 5.54 -26.41 -16.36
CA ALA A 26 6.76 -27.15 -16.66
C ALA A 26 6.79 -28.48 -15.91
N ALA A 27 6.35 -28.48 -14.66
CA ALA A 27 6.28 -29.73 -13.90
C ALA A 27 5.27 -30.70 -14.48
N ASN A 28 4.17 -30.19 -15.07
CA ASN A 28 3.13 -31.05 -15.60
C ASN A 28 3.44 -31.55 -17.00
N ALA A 29 4.20 -30.76 -17.78
CA ALA A 29 4.65 -31.19 -19.10
C ALA A 29 5.86 -32.11 -19.05
N ALA A 30 6.41 -32.36 -17.86
CA ALA A 30 7.55 -33.27 -17.69
C ALA A 30 7.41 -33.98 -16.35
N PRO A 31 6.37 -34.79 -16.19
CA PRO A 31 6.12 -35.43 -14.90
C PRO A 31 7.22 -36.41 -14.54
N GLY A 32 7.53 -36.49 -13.25
CA GLY A 32 8.55 -37.38 -12.75
C GLY A 32 9.94 -36.79 -12.64
N ARG A 33 10.20 -35.64 -13.27
CA ARG A 33 11.53 -35.05 -13.23
C ARG A 33 11.66 -33.90 -12.25
N TYR A 34 10.56 -33.29 -11.81
CA TYR A 34 10.62 -32.05 -11.05
C TYR A 34 9.91 -32.16 -9.72
N PHE A 35 10.51 -31.55 -8.70
CA PHE A 35 9.81 -31.15 -7.48
C PHE A 35 9.49 -29.67 -7.59
N VAL A 36 8.52 -29.23 -6.80
CA VAL A 36 8.01 -27.86 -6.88
C VAL A 36 7.93 -27.29 -5.48
N ARG A 37 8.69 -26.23 -5.24
CA ARG A 37 8.66 -25.52 -3.96
C ARG A 37 8.22 -24.08 -4.19
N PRO A 38 6.94 -23.75 -4.03
CA PRO A 38 6.52 -22.35 -3.92
C PRO A 38 6.83 -21.84 -2.52
N ILE A 39 7.70 -20.84 -2.42
CA ILE A 39 8.23 -20.42 -1.13
C ILE A 39 7.98 -18.94 -0.91
N PHE A 40 7.86 -18.59 0.36
CA PHE A 40 7.93 -17.21 0.82
C PHE A 40 9.04 -17.16 1.87
N ILE A 41 9.85 -16.12 1.81
CA ILE A 41 11.00 -15.96 2.69
C ILE A 41 10.67 -14.90 3.73
N LEU A 42 10.55 -15.32 4.99
CA LEU A 42 10.41 -14.40 6.09
C LEU A 42 11.79 -13.82 6.33
N ASP A 43 12.10 -12.75 5.60
CA ASP A 43 13.36 -12.02 5.56
C ASP A 43 13.47 -11.06 6.74
N PRO A 44 14.28 -11.39 7.75
CA PRO A 44 14.54 -10.41 8.83
C PRO A 44 15.04 -9.08 8.33
N GLY A 45 15.68 -9.04 7.15
CA GLY A 45 16.33 -7.82 6.69
C GLY A 45 15.37 -6.69 6.37
N ILE A 46 14.13 -7.01 6.00
CA ILE A 46 13.19 -5.96 5.62
C ILE A 46 12.84 -5.09 6.82
N LEU A 47 12.96 -5.64 8.04
CA LEU A 47 12.60 -4.88 9.23
C LEU A 47 13.59 -3.75 9.51
N ASP A 48 14.84 -3.89 9.08
CA ASP A 48 15.78 -2.78 9.19
C ASP A 48 15.45 -1.68 8.19
N TRP A 49 14.56 -1.95 7.24
CA TRP A 49 14.27 -1.05 6.14
C TRP A 49 12.85 -0.49 6.14
N MET A 50 11.93 -1.11 6.87
CA MET A 50 10.56 -0.62 6.93
C MET A 50 9.95 -0.99 8.27
N GLN A 51 8.91 -0.25 8.63
CA GLN A 51 8.14 -0.50 9.84
C GLN A 51 6.86 -1.23 9.49
N VAL A 52 6.46 -2.19 10.34
CA VAL A 52 5.24 -2.93 10.12
C VAL A 52 4.43 -2.95 11.41
N GLY A 53 3.19 -2.48 11.32
CA GLY A 53 2.30 -2.46 12.47
C GLY A 53 1.51 -3.75 12.64
N ALA A 54 0.95 -3.91 13.85
CA ALA A 54 0.26 -5.15 14.20
C ALA A 54 -0.74 -5.52 13.11
N ASN A 55 -1.60 -4.57 12.73
CA ASN A 55 -2.66 -4.88 11.79
C ASN A 55 -2.12 -5.40 10.48
N ARG A 56 -1.05 -4.79 9.96
CA ARG A 56 -0.52 -5.29 8.68
C ARG A 56 0.17 -6.64 8.85
N TRP A 57 0.83 -6.87 9.99
CA TRP A 57 1.33 -8.21 10.26
C TRP A 57 0.21 -9.24 10.18
N ARG A 58 -0.96 -8.90 10.72
CA ARG A 58 -2.08 -9.84 10.71
C ARG A 58 -2.55 -10.10 9.29
N PHE A 59 -2.69 -9.04 8.50
CA PHE A 59 -3.06 -9.18 7.10
C PHE A 59 -2.10 -10.11 6.38
N LEU A 60 -0.81 -9.97 6.60
CA LEU A 60 0.15 -10.88 5.98
C LEU A 60 -0.06 -12.31 6.47
N GLN A 61 -0.18 -12.50 7.78
CA GLN A 61 -0.44 -13.84 8.30
C GLN A 61 -1.66 -14.44 7.59
N GLN A 62 -2.76 -13.69 7.56
CA GLN A 62 -3.96 -14.22 6.89
C GLN A 62 -3.66 -14.52 5.43
N THR A 63 -2.86 -13.67 4.79
CA THR A 63 -2.56 -13.86 3.37
C THR A 63 -1.77 -15.15 3.14
N LEU A 64 -0.68 -15.34 3.89
CA LEU A 64 0.12 -16.55 3.71
C LEU A 64 -0.71 -17.82 3.96
N GLU A 65 -1.61 -17.78 4.95
CA GLU A 65 -2.47 -18.93 5.22
C GLU A 65 -3.35 -19.23 4.01
N ASP A 66 -4.00 -18.20 3.45
CA ASP A 66 -4.88 -18.39 2.29
C ASP A 66 -4.11 -18.90 1.08
N LEU A 67 -2.90 -18.38 0.85
CA LEU A 67 -2.06 -18.83 -0.25
C LEU A 67 -1.70 -20.31 -0.09
N ASP A 68 -1.28 -20.69 1.12
CA ASP A 68 -1.02 -22.10 1.40
C ASP A 68 -2.26 -22.94 1.12
N ASN A 69 -3.42 -22.52 1.64
CA ASN A 69 -4.65 -23.23 1.36
C ASN A 69 -4.91 -23.33 -0.14
N GLN A 70 -4.76 -22.21 -0.85
CA GLN A 70 -4.97 -22.24 -2.30
C GLN A 70 -3.96 -23.14 -3.00
N LEU A 71 -2.73 -23.23 -2.49
CA LEU A 71 -1.76 -24.11 -3.13
C LEU A 71 -2.07 -25.58 -2.88
N ARG A 72 -2.65 -25.89 -1.73
CA ARG A 72 -2.99 -27.27 -1.44
C ARG A 72 -4.04 -27.80 -2.42
N LYS A 73 -4.99 -26.94 -2.81
CA LYS A 73 -5.99 -27.31 -3.81
C LYS A 73 -5.39 -27.66 -5.16
N LEU A 74 -4.09 -27.40 -5.35
CA LEU A 74 -3.39 -27.78 -6.57
C LEU A 74 -2.32 -28.83 -6.28
N ASN A 75 -2.46 -29.58 -5.19
CA ASN A 75 -1.52 -30.64 -4.81
C ASN A 75 -0.11 -30.10 -4.60
N SER A 76 -0.03 -28.90 -4.05
CA SER A 76 1.23 -28.30 -3.66
C SER A 76 1.03 -27.71 -2.26
N ARG A 77 1.88 -26.77 -1.88
CA ARG A 77 1.74 -26.07 -0.61
C ARG A 77 2.74 -24.92 -0.59
N LEU A 78 2.47 -23.98 0.31
CA LEU A 78 3.39 -22.88 0.56
C LEU A 78 4.46 -23.35 1.55
N PHE A 79 5.70 -23.11 1.20
CA PHE A 79 6.83 -23.32 2.11
C PHE A 79 7.34 -21.97 2.56
N VAL A 80 7.28 -21.69 3.85
CA VAL A 80 7.69 -20.40 4.42
C VAL A 80 9.05 -20.58 5.06
N VAL A 81 10.08 -20.06 4.41
CA VAL A 81 11.46 -20.28 4.81
C VAL A 81 11.96 -19.06 5.58
N ARG A 82 12.21 -19.27 6.89
CA ARG A 82 12.75 -18.23 7.75
C ARG A 82 14.22 -17.98 7.46
N GLY A 83 14.59 -16.71 7.38
CA GLY A 83 15.98 -16.32 7.26
C GLY A 83 16.22 -15.38 6.10
N LYS A 84 17.47 -14.91 6.02
CA LYS A 84 17.83 -13.92 5.02
C LYS A 84 18.02 -14.59 3.65
N PRO A 85 17.53 -13.97 2.57
CA PRO A 85 17.68 -14.58 1.26
C PRO A 85 19.12 -14.85 0.89
N ALA A 86 20.03 -13.90 1.18
CA ALA A 86 21.44 -14.09 0.86
C ALA A 86 22.02 -15.34 1.52
N GLU A 87 21.47 -15.75 2.67
CA GLU A 87 21.87 -16.99 3.30
C GLU A 87 20.99 -18.18 2.95
N VAL A 88 19.73 -17.92 2.57
CA VAL A 88 18.79 -19.01 2.32
C VAL A 88 19.03 -19.66 0.95
N PHE A 89 19.28 -18.84 -0.08
CA PHE A 89 19.24 -19.33 -1.45
C PHE A 89 20.43 -20.23 -1.77
N PRO A 90 21.66 -19.89 -1.37
CA PRO A 90 22.75 -20.85 -1.54
C PRO A 90 22.47 -22.22 -0.92
N ARG A 91 21.86 -22.26 0.27
CA ARG A 91 21.55 -23.53 0.90
C ARG A 91 20.56 -24.33 0.08
N ILE A 92 19.38 -23.74 -0.19
CA ILE A 92 18.31 -24.48 -0.84
C ILE A 92 18.61 -24.73 -2.31
N PHE A 93 19.51 -23.95 -2.93
CA PHE A 93 19.93 -24.24 -4.29
C PHE A 93 20.58 -25.62 -4.37
N LYS A 94 21.37 -25.97 -3.36
CA LYS A 94 22.06 -27.26 -3.27
C LYS A 94 21.19 -28.32 -2.60
N SER A 95 20.59 -27.96 -1.45
CA SER A 95 19.75 -28.94 -0.75
C SER A 95 18.56 -29.36 -1.59
N TRP A 96 18.12 -28.50 -2.53
CA TRP A 96 16.96 -28.80 -3.36
C TRP A 96 17.31 -29.13 -4.81
N ARG A 97 18.56 -28.97 -5.22
CA ARG A 97 18.96 -29.13 -6.62
C ARG A 97 17.99 -28.35 -7.52
N VAL A 98 17.93 -27.05 -7.25
CA VAL A 98 16.96 -26.18 -7.92
C VAL A 98 17.40 -25.98 -9.36
N GLU A 99 16.51 -26.28 -10.31
CA GLU A 99 16.80 -26.02 -11.71
C GLU A 99 16.37 -24.63 -12.15
N MET A 100 15.14 -24.24 -11.86
CA MET A 100 14.61 -22.94 -12.26
C MET A 100 14.00 -22.22 -11.09
N LEU A 101 14.25 -20.91 -11.02
CA LEU A 101 13.63 -20.00 -10.06
C LEU A 101 12.87 -18.91 -10.80
N THR A 102 11.60 -18.74 -10.46
CA THR A 102 10.78 -17.68 -11.02
C THR A 102 10.33 -16.75 -9.91
N PHE A 103 10.16 -15.48 -10.25
CA PHE A 103 9.48 -14.58 -9.34
C PHE A 103 8.99 -13.35 -10.09
N GLU A 104 8.04 -12.66 -9.46
CA GLU A 104 7.51 -11.41 -9.99
C GLU A 104 8.43 -10.25 -9.61
N THR A 105 8.75 -9.39 -10.58
CA THR A 105 9.71 -8.31 -10.37
C THR A 105 9.14 -7.19 -9.49
N ASP A 106 10.04 -6.49 -8.82
CA ASP A 106 9.63 -5.33 -8.05
C ASP A 106 10.66 -4.23 -8.19
N ILE A 107 10.18 -2.99 -8.10
CA ILE A 107 11.00 -1.82 -8.40
C ILE A 107 11.59 -1.16 -7.16
N GLU A 108 11.16 -1.57 -5.98
CA GLU A 108 11.64 -0.97 -4.75
C GLU A 108 13.15 -1.18 -4.61
N PRO A 109 13.88 -0.17 -4.12
CA PRO A 109 15.35 -0.30 -4.02
C PRO A 109 15.81 -1.53 -3.24
N TYR A 110 15.16 -1.84 -2.12
CA TYR A 110 15.49 -3.08 -1.39
C TYR A 110 15.26 -4.31 -2.23
N SER A 111 14.21 -4.30 -3.05
CA SER A 111 13.91 -5.45 -3.90
C SER A 111 14.93 -5.58 -5.02
N VAL A 112 15.27 -4.48 -5.68
CA VAL A 112 16.21 -4.53 -6.80
C VAL A 112 17.55 -5.06 -6.32
N THR A 113 18.11 -4.43 -5.30
CA THR A 113 19.37 -4.88 -4.73
C THR A 113 19.30 -6.36 -4.37
N ARG A 114 18.26 -6.76 -3.61
CA ARG A 114 18.16 -8.13 -3.17
C ARG A 114 18.05 -9.09 -4.35
N ASP A 115 17.25 -8.73 -5.35
CA ASP A 115 17.07 -9.59 -6.51
C ASP A 115 18.36 -9.69 -7.34
N ALA A 116 19.12 -8.60 -7.41
CA ALA A 116 20.35 -8.61 -8.19
C ALA A 116 21.35 -9.62 -7.63
N ALA A 117 21.53 -9.60 -6.31
CA ALA A 117 22.44 -10.53 -5.66
C ALA A 117 21.94 -11.97 -5.80
N VAL A 118 20.63 -12.18 -5.71
CA VAL A 118 20.08 -13.51 -5.93
C VAL A 118 20.35 -13.96 -7.36
N GLN A 119 20.19 -13.06 -8.32
CA GLN A 119 20.43 -13.43 -9.71
C GLN A 119 21.90 -13.68 -9.96
N LYS A 120 22.78 -13.08 -9.15
CA LYS A 120 24.20 -13.37 -9.23
C LYS A 120 24.49 -14.77 -8.69
N LEU A 121 23.87 -15.14 -7.57
CA LEU A 121 24.02 -16.49 -7.03
C LEU A 121 23.41 -17.53 -7.97
N ALA A 122 22.26 -17.22 -8.55
CA ALA A 122 21.60 -18.18 -9.44
C ALA A 122 22.45 -18.44 -10.68
N LYS A 123 23.15 -17.40 -11.16
CA LYS A 123 24.02 -17.57 -12.32
C LYS A 123 25.24 -18.42 -11.97
N ALA A 124 25.76 -18.28 -10.74
CA ALA A 124 26.93 -19.05 -10.33
C ALA A 124 26.62 -20.54 -10.28
N GLU A 125 25.54 -20.93 -9.58
CA GLU A 125 25.13 -22.32 -9.43
C GLU A 125 24.41 -22.88 -10.65
N GLY A 126 24.37 -22.16 -11.76
CA GLY A 126 23.71 -22.64 -12.96
C GLY A 126 22.22 -22.80 -12.85
N VAL A 127 21.56 -21.91 -12.10
CA VAL A 127 20.12 -21.98 -11.88
C VAL A 127 19.46 -20.98 -12.83
N ARG A 128 18.47 -21.45 -13.59
CA ARG A 128 17.75 -20.57 -14.50
C ARG A 128 16.76 -19.72 -13.73
N VAL A 129 16.81 -18.40 -13.95
CA VAL A 129 15.89 -17.47 -13.34
C VAL A 129 15.00 -16.88 -14.43
N GLU A 130 13.69 -16.90 -14.19
CA GLU A 130 12.72 -16.27 -15.07
C GLU A 130 11.91 -15.29 -14.24
N THR A 131 11.86 -14.04 -14.66
CA THR A 131 11.13 -13.01 -13.95
C THR A 131 10.00 -12.48 -14.83
N HIS A 132 8.96 -11.99 -14.16
CA HIS A 132 7.78 -11.48 -14.85
C HIS A 132 7.35 -10.20 -14.17
N CYS A 133 6.96 -9.22 -14.98
CA CYS A 133 6.43 -7.95 -14.51
C CYS A 133 4.91 -8.07 -14.53
N SER A 134 4.33 -8.48 -13.41
CA SER A 134 2.88 -8.57 -13.28
C SER A 134 2.33 -7.85 -12.04
N HIS A 135 3.17 -7.12 -11.30
CA HIS A 135 2.64 -6.38 -10.16
C HIS A 135 1.98 -5.11 -10.63
N THR A 136 2.39 -4.60 -11.78
CA THR A 136 1.74 -3.48 -12.43
C THR A 136 1.25 -3.91 -13.81
N ILE A 137 0.29 -3.13 -14.32
CA ILE A 137 -0.27 -3.40 -15.64
C ILE A 137 0.77 -3.09 -16.71
N TYR A 138 1.50 -2.01 -16.54
CA TYR A 138 2.54 -1.65 -17.49
C TYR A 138 3.90 -1.76 -16.81
N ASN A 139 4.91 -1.99 -17.63
CA ASN A 139 6.27 -2.19 -17.15
C ASN A 139 6.94 -0.82 -17.05
N PRO A 140 7.27 -0.32 -15.84
CA PRO A 140 7.86 1.03 -15.77
C PRO A 140 9.03 1.22 -16.71
N GLU A 141 9.85 0.17 -16.88
CA GLU A 141 11.01 0.27 -17.76
C GLU A 141 10.60 0.65 -19.17
N LEU A 142 9.50 0.06 -19.67
CA LEU A 142 9.04 0.33 -21.03
C LEU A 142 8.40 1.70 -21.14
N VAL A 143 7.69 2.14 -20.09
CA VAL A 143 7.11 3.47 -20.07
C VAL A 143 8.22 4.53 -20.14
N ILE A 144 9.22 4.37 -19.28
CA ILE A 144 10.38 5.28 -19.30
C ILE A 144 11.04 5.27 -20.68
N ALA A 145 11.22 4.08 -21.26
CA ALA A 145 11.84 3.99 -22.57
C ALA A 145 11.01 4.73 -23.62
N LYS A 146 9.72 4.43 -23.68
CA LYS A 146 8.86 5.07 -24.67
C LYS A 146 8.91 6.59 -24.55
N ASN A 147 9.08 7.11 -23.33
CA ASN A 147 9.25 8.55 -23.12
C ASN A 147 10.70 8.97 -23.16
N LEU A 148 11.52 8.30 -23.97
CA LEU A 148 12.89 8.72 -24.26
C LEU A 148 13.77 8.80 -23.03
N GLY A 149 13.52 7.93 -22.05
CA GLY A 149 14.41 7.74 -20.93
C GLY A 149 14.06 8.48 -19.65
N LYS A 150 13.01 9.28 -19.65
CA LYS A 150 12.53 9.92 -18.44
C LYS A 150 11.08 9.52 -18.17
N ALA A 151 10.76 9.43 -16.89
CA ALA A 151 9.40 9.11 -16.49
C ALA A 151 8.50 10.32 -16.70
N PRO A 152 7.33 10.17 -17.30
CA PRO A 152 6.40 11.31 -17.35
C PRO A 152 6.11 11.76 -15.93
N ILE A 153 6.22 13.07 -15.69
CA ILE A 153 5.95 13.59 -14.36
C ILE A 153 4.57 14.24 -14.26
N THR A 154 3.75 14.19 -15.31
CA THR A 154 2.34 14.52 -15.20
C THR A 154 1.51 13.28 -15.52
N TYR A 155 0.35 13.20 -14.86
CA TYR A 155 -0.58 12.10 -15.14
C TYR A 155 -1.01 12.06 -16.62
N GLN A 156 -1.31 13.22 -17.21
CA GLN A 156 -1.80 13.23 -18.59
C GLN A 156 -0.74 12.73 -19.56
N LYS A 157 0.51 13.17 -19.39
CA LYS A 157 1.60 12.66 -20.21
C LYS A 157 1.76 11.15 -20.05
N PHE A 158 1.69 10.67 -18.81
CA PHE A 158 1.76 9.25 -18.57
C PHE A 158 0.67 8.49 -19.30
N LEU A 159 -0.59 8.95 -19.18
CA LEU A 159 -1.69 8.31 -19.89
C LEU A 159 -1.39 8.18 -21.38
N GLY A 160 -0.94 9.26 -22.02
CA GLY A 160 -0.72 9.24 -23.45
C GLY A 160 0.42 8.34 -23.89
N ILE A 161 1.34 8.05 -22.98
CA ILE A 161 2.38 7.05 -23.22
C ILE A 161 1.82 5.63 -23.16
N VAL A 162 1.14 5.28 -22.06
CA VAL A 162 0.68 3.90 -21.90
C VAL A 162 -0.47 3.55 -22.83
N GLU A 163 -1.18 4.54 -23.37
CA GLU A 163 -2.25 4.23 -24.32
C GLU A 163 -1.71 3.51 -25.55
N GLN A 164 -0.46 3.79 -25.92
CA GLN A 164 0.19 3.18 -27.08
C GLN A 164 0.86 1.85 -26.77
N LEU A 165 0.81 1.39 -25.51
CA LEU A 165 1.47 0.16 -25.11
C LEU A 165 0.47 -0.98 -25.11
N LYS A 166 0.99 -2.19 -25.30
CA LYS A 166 0.17 -3.39 -25.34
C LYS A 166 -0.28 -3.78 -23.94
N VAL A 167 -1.58 -4.01 -23.78
CA VAL A 167 -2.09 -4.49 -22.49
C VAL A 167 -1.79 -5.98 -22.38
N PRO A 168 -1.25 -6.45 -21.24
CA PRO A 168 -0.82 -7.84 -21.16
C PRO A 168 -1.99 -8.80 -21.14
N LYS A 169 -1.71 -10.05 -21.50
CA LYS A 169 -2.68 -11.12 -21.37
C LYS A 169 -2.80 -11.54 -19.92
N VAL A 170 -4.02 -11.62 -19.43
CA VAL A 170 -4.29 -11.98 -18.04
C VAL A 170 -4.52 -13.47 -17.96
N LEU A 171 -3.75 -14.15 -17.11
CA LEU A 171 -3.81 -15.59 -16.95
C LEU A 171 -4.84 -15.97 -15.90
N GLY A 172 -5.32 -17.21 -16.00
CA GLY A 172 -6.09 -17.82 -14.95
C GLY A 172 -5.19 -18.51 -13.95
N VAL A 173 -5.80 -19.32 -13.10
CA VAL A 173 -5.06 -20.08 -12.10
C VAL A 173 -4.31 -21.20 -12.81
N PRO A 174 -3.16 -21.63 -12.29
CA PRO A 174 -2.45 -22.75 -12.92
C PRO A 174 -3.18 -24.07 -12.71
N GLU A 175 -2.91 -24.99 -13.63
CA GLU A 175 -3.48 -26.34 -13.56
C GLU A 175 -2.93 -27.08 -12.36
N LYS A 176 -3.73 -28.00 -11.83
CA LYS A 176 -3.31 -28.77 -10.67
C LYS A 176 -2.11 -29.66 -11.01
N LEU A 177 -1.32 -29.98 -10.00
CA LEU A 177 -0.10 -30.75 -10.21
C LEU A 177 -0.44 -32.21 -10.44
N LYS A 178 -0.02 -32.75 -11.58
CA LYS A 178 -0.32 -34.13 -11.96
C LYS A 178 0.72 -35.06 -11.36
N ASN A 179 0.28 -35.96 -10.48
CA ASN A 179 1.13 -36.98 -9.88
C ASN A 179 2.45 -36.39 -9.40
N MET A 180 2.36 -35.52 -8.39
CA MET A 180 3.55 -34.94 -7.81
C MET A 180 3.68 -35.41 -6.37
N PRO A 181 4.77 -36.08 -6.01
CA PRO A 181 4.98 -36.45 -4.60
C PRO A 181 5.45 -35.27 -3.78
N THR A 182 5.20 -35.35 -2.48
CA THR A 182 5.68 -34.31 -1.57
C THR A 182 7.20 -34.33 -1.55
N PRO A 183 7.87 -33.22 -1.85
CA PRO A 183 9.34 -33.21 -1.89
C PRO A 183 9.93 -33.86 -0.67
N PRO A 184 11.14 -34.41 -0.76
CA PRO A 184 11.76 -35.04 0.41
C PRO A 184 12.24 -33.99 1.39
N LYS A 185 12.11 -34.30 2.68
CA LYS A 185 12.60 -33.37 3.70
C LYS A 185 14.09 -33.11 3.52
N ASP A 186 14.47 -31.85 3.74
CA ASP A 186 15.85 -31.41 3.65
C ASP A 186 16.46 -31.31 5.05
N GLU A 187 17.66 -30.73 5.14
CA GLU A 187 18.37 -30.65 6.41
C GLU A 187 17.51 -30.01 7.51
N VAL A 188 16.77 -28.96 7.17
CA VAL A 188 15.98 -28.27 8.17
C VAL A 188 14.69 -29.03 8.47
N GLU A 189 14.01 -29.52 7.43
CA GLU A 189 12.71 -30.15 7.61
C GLU A 189 12.83 -31.39 8.49
N GLN A 190 13.97 -32.09 8.40
CA GLN A 190 14.14 -33.33 9.14
C GLN A 190 14.26 -33.08 10.64
N LYS A 191 14.91 -31.99 11.03
CA LYS A 191 15.00 -31.63 12.44
C LYS A 191 13.77 -30.87 12.93
N ASP A 192 12.77 -30.67 12.08
CA ASP A 192 11.57 -29.91 12.44
C ASP A 192 10.51 -30.00 11.34
N SER A 193 9.58 -30.95 11.47
CA SER A 193 8.60 -31.17 10.42
C SER A 193 7.82 -29.91 10.05
N ALA A 194 7.81 -28.91 10.93
CA ALA A 194 7.04 -27.68 10.72
C ALA A 194 7.90 -26.49 10.36
N ALA A 195 9.21 -26.68 10.19
CA ALA A 195 10.12 -25.56 9.94
C ALA A 195 9.67 -24.65 8.81
N TYR A 196 8.82 -25.14 7.89
CA TYR A 196 8.37 -24.35 6.75
C TYR A 196 6.88 -24.06 6.75
N ASP A 197 6.15 -24.38 7.83
CA ASP A 197 4.71 -24.12 7.87
C ASP A 197 4.42 -22.63 7.94
N CYS A 198 3.20 -22.27 7.54
CA CYS A 198 2.76 -20.88 7.66
C CYS A 198 2.92 -20.40 9.11
N PRO A 199 3.37 -19.17 9.32
CA PRO A 199 3.49 -18.67 10.69
C PRO A 199 2.10 -18.47 11.29
N THR A 200 2.02 -18.73 12.58
CA THR A 200 0.80 -18.47 13.33
C THR A 200 0.68 -16.97 13.59
N MET A 201 -0.47 -16.57 14.14
CA MET A 201 -0.63 -15.18 14.54
C MET A 201 0.34 -14.82 15.65
N LYS A 202 0.56 -15.74 16.58
CA LYS A 202 1.46 -15.52 17.70
C LYS A 202 2.91 -15.32 17.23
N GLN A 203 3.30 -15.92 16.12
CA GLN A 203 4.69 -15.81 15.68
C GLN A 203 4.96 -14.49 14.97
N LEU A 204 3.98 -13.94 14.23
CA LEU A 204 4.16 -12.73 13.45
C LEU A 204 3.70 -11.46 14.16
N VAL A 205 2.76 -11.55 15.10
CA VAL A 205 2.17 -10.39 15.77
C VAL A 205 2.68 -10.40 17.21
N LYS A 206 3.74 -9.63 17.48
CA LYS A 206 4.32 -9.58 18.81
C LYS A 206 3.58 -8.62 19.73
N ARG A 207 2.94 -7.58 19.18
CA ARG A 207 2.17 -6.61 19.95
C ARG A 207 0.69 -6.80 19.68
N PRO A 208 0.08 -7.90 20.14
CA PRO A 208 -1.32 -8.17 19.79
C PRO A 208 -2.30 -7.19 20.39
N GLU A 209 -1.90 -6.41 21.40
CA GLU A 209 -2.78 -5.39 21.93
C GLU A 209 -2.98 -4.23 20.97
N GLU A 210 -2.18 -4.14 19.90
CA GLU A 210 -2.32 -3.12 18.89
C GLU A 210 -3.18 -3.55 17.71
N LEU A 211 -3.61 -4.80 17.66
CA LEU A 211 -4.58 -5.21 16.65
C LEU A 211 -5.89 -4.48 16.84
N GLY A 212 -6.44 -3.98 15.74
CA GLY A 212 -7.73 -3.36 15.77
C GLY A 212 -8.77 -4.33 15.26
N PRO A 213 -9.94 -3.83 14.87
CA PRO A 213 -10.96 -4.72 14.32
C PRO A 213 -10.43 -5.45 13.11
N ASN A 214 -10.87 -6.70 12.96
CA ASN A 214 -10.59 -7.50 11.77
C ASN A 214 -11.72 -7.27 10.78
N LYS A 215 -11.49 -6.30 9.89
CA LYS A 215 -12.44 -5.87 8.88
C LYS A 215 -12.08 -6.34 7.48
N PHE A 216 -10.79 -6.34 7.13
CA PHE A 216 -10.33 -6.59 5.76
C PHE A 216 -9.37 -7.78 5.79
N PRO A 217 -9.89 -9.00 5.84
CA PRO A 217 -9.03 -10.18 5.92
C PRO A 217 -8.08 -10.28 4.74
N GLY A 218 -6.90 -10.78 5.00
CA GLY A 218 -5.93 -10.92 3.95
C GLY A 218 -6.21 -12.12 3.06
N GLY A 219 -5.46 -12.19 1.97
CA GLY A 219 -5.58 -13.40 1.19
C GLY A 219 -6.24 -13.15 -0.16
N GLU A 220 -5.81 -13.95 -1.14
CA GLU A 220 -6.35 -13.85 -2.50
C GLU A 220 -7.84 -14.15 -2.54
N THR A 221 -8.29 -15.12 -1.76
CA THR A 221 -9.71 -15.48 -1.72
C THR A 221 -10.56 -14.28 -1.33
N GLU A 222 -10.15 -13.56 -0.28
CA GLU A 222 -10.88 -12.38 0.15
C GLU A 222 -10.74 -11.24 -0.86
N ALA A 223 -9.57 -11.10 -1.49
CA ALA A 223 -9.38 -10.08 -2.52
C ALA A 223 -10.41 -10.23 -3.63
N LEU A 224 -10.56 -11.45 -4.14
CA LEU A 224 -11.41 -11.68 -5.29
C LEU A 224 -12.88 -11.50 -4.92
N ARG A 225 -13.26 -11.93 -3.71
CA ARG A 225 -14.60 -11.70 -3.20
C ARG A 225 -14.92 -10.22 -3.08
N ARG A 226 -13.99 -9.43 -2.58
CA ARG A 226 -14.26 -8.01 -2.43
C ARG A 226 -14.33 -7.33 -3.78
N MET A 227 -13.49 -7.75 -4.73
CA MET A 227 -13.58 -7.14 -6.04
C MET A 227 -14.92 -7.51 -6.70
N GLU A 228 -15.30 -8.78 -6.63
CA GLU A 228 -16.59 -9.19 -7.20
C GLU A 228 -17.74 -8.43 -6.55
N GLU A 229 -17.66 -8.19 -5.23
CA GLU A 229 -18.67 -7.40 -4.52
C GLU A 229 -18.69 -5.95 -4.97
N SER A 230 -17.51 -5.36 -5.20
CA SER A 230 -17.44 -3.97 -5.64
C SER A 230 -17.94 -3.79 -7.05
N LEU A 231 -17.70 -4.78 -7.91
CA LEU A 231 -18.13 -4.73 -9.30
C LEU A 231 -19.61 -5.03 -9.48
N LYS A 232 -20.36 -5.32 -8.42
CA LYS A 232 -21.74 -5.79 -8.59
C LYS A 232 -22.67 -4.65 -8.99
N ASP A 233 -22.48 -3.48 -8.41
CA ASP A 233 -23.21 -2.29 -8.84
C ASP A 233 -22.43 -1.65 -9.98
N GLU A 234 -22.75 -2.07 -11.21
CA GLU A 234 -22.02 -1.63 -12.40
C GLU A 234 -22.17 -0.15 -12.66
N ILE A 235 -23.28 0.44 -12.20
CA ILE A 235 -23.50 1.88 -12.37
C ILE A 235 -22.57 2.66 -11.44
N TRP A 236 -22.50 2.24 -10.18
CA TRP A 236 -21.53 2.83 -9.25
C TRP A 236 -20.12 2.77 -9.86
N VAL A 237 -19.75 1.59 -10.38
CA VAL A 237 -18.44 1.41 -11.01
C VAL A 237 -18.27 2.35 -12.19
N ALA A 238 -19.24 2.32 -13.10
CA ALA A 238 -19.12 3.03 -14.37
C ALA A 238 -19.05 4.53 -14.16
N ARG A 239 -19.75 5.04 -13.14
CA ARG A 239 -19.88 6.46 -12.92
C ARG A 239 -19.08 6.94 -11.72
N PHE A 240 -18.20 6.07 -11.22
CA PHE A 240 -17.30 6.40 -10.11
C PHE A 240 -16.51 7.66 -10.42
N GLU A 241 -16.48 8.58 -9.46
CA GLU A 241 -15.65 9.79 -9.54
C GLU A 241 -14.96 9.99 -8.19
N LYS A 242 -13.66 9.72 -8.17
CA LYS A 242 -12.91 9.71 -6.90
C LYS A 242 -13.08 10.99 -6.10
N PRO A 243 -12.98 12.19 -6.67
CA PRO A 243 -13.13 13.40 -5.86
C PRO A 243 -14.48 13.52 -5.15
N ASN A 244 -15.51 12.81 -5.63
CA ASN A 244 -16.85 12.91 -5.06
C ASN A 244 -17.17 11.82 -4.03
N THR A 245 -16.20 10.98 -3.68
CA THR A 245 -16.42 9.97 -2.64
C THR A 245 -16.07 10.50 -1.27
N ALA A 246 -16.79 10.04 -0.26
CA ALA A 246 -16.64 10.75 1.00
C ALA A 246 -15.48 10.19 1.80
N PRO A 247 -14.71 11.07 2.44
CA PRO A 247 -13.62 10.61 3.31
C PRO A 247 -14.10 10.11 4.67
N ASN A 248 -15.27 10.53 5.11
CA ASN A 248 -15.71 10.33 6.48
C ASN A 248 -17.11 9.72 6.53
N SER A 249 -17.50 9.01 5.48
CA SER A 249 -18.57 8.02 5.59
C SER A 249 -18.20 6.95 6.61
N LEU A 250 -19.20 6.42 7.31
CA LEU A 250 -18.92 5.36 8.27
C LEU A 250 -18.44 4.07 7.58
N GLU A 251 -19.06 3.73 6.45
CA GLU A 251 -18.64 2.66 5.56
C GLU A 251 -17.74 3.23 4.47
N PRO A 252 -16.71 2.49 4.04
CA PRO A 252 -15.77 3.04 3.04
C PRO A 252 -16.50 3.45 1.78
N SER A 253 -16.11 4.59 1.23
CA SER A 253 -16.80 5.09 0.04
C SER A 253 -16.13 4.64 -1.24
N THR A 254 -14.98 3.99 -1.15
CA THR A 254 -14.26 3.42 -2.28
C THR A 254 -14.13 1.90 -2.07
N THR A 255 -13.32 1.23 -2.90
CA THR A 255 -13.34 -0.24 -2.92
C THR A 255 -12.60 -0.88 -1.75
N VAL A 256 -11.61 -0.18 -1.18
CA VAL A 256 -10.69 -0.79 -0.23
C VAL A 256 -10.07 -2.05 -0.83
N LEU A 257 -9.72 -2.01 -2.11
CA LEU A 257 -8.88 -3.06 -2.68
C LEU A 257 -7.40 -2.77 -2.50
N SER A 258 -7.06 -1.65 -1.86
CA SER A 258 -5.66 -1.25 -1.79
C SER A 258 -4.78 -2.24 -1.07
N PRO A 259 -5.17 -2.84 0.05
CA PRO A 259 -4.26 -3.79 0.71
C PRO A 259 -4.03 -5.03 -0.15
N TYR A 260 -5.05 -5.44 -0.90
CA TYR A 260 -4.94 -6.63 -1.72
C TYR A 260 -4.02 -6.37 -2.91
N LEU A 261 -4.17 -5.20 -3.55
CA LEU A 261 -3.28 -4.85 -4.64
C LEU A 261 -1.86 -4.64 -4.15
N LYS A 262 -1.71 -4.14 -2.92
CA LYS A 262 -0.36 -3.87 -2.42
C LYS A 262 0.43 -5.17 -2.30
N PHE A 263 -0.21 -6.22 -1.79
CA PHE A 263 0.43 -7.51 -1.61
C PHE A 263 0.33 -8.40 -2.84
N GLY A 264 -0.43 -7.97 -3.84
CA GLY A 264 -0.70 -8.82 -4.98
C GLY A 264 -1.69 -9.93 -4.69
N CYS A 265 -2.45 -9.84 -3.60
CA CYS A 265 -3.57 -10.77 -3.43
C CYS A 265 -4.57 -10.58 -4.55
N LEU A 266 -4.64 -9.37 -5.10
CA LEU A 266 -5.41 -9.07 -6.29
C LEU A 266 -4.47 -8.63 -7.40
N SER A 267 -4.60 -9.23 -8.57
CA SER A 267 -3.86 -8.74 -9.72
C SER A 267 -4.49 -7.43 -10.22
N ALA A 268 -3.69 -6.37 -10.31
CA ALA A 268 -4.21 -5.14 -10.92
C ALA A 268 -4.58 -5.37 -12.38
N ARG A 269 -3.88 -6.28 -13.07
CA ARG A 269 -4.20 -6.54 -14.46
C ARG A 269 -5.60 -7.15 -14.60
N LEU A 270 -5.95 -8.10 -13.71
CA LEU A 270 -7.30 -8.64 -13.72
C LEU A 270 -8.33 -7.58 -13.38
N PHE A 271 -8.06 -6.78 -12.34
CA PHE A 271 -8.98 -5.71 -11.95
C PHE A 271 -9.19 -4.74 -13.11
N ASN A 272 -8.10 -4.33 -13.77
CA ASN A 272 -8.21 -3.47 -14.93
C ASN A 272 -9.09 -4.12 -16.00
N GLN A 273 -8.90 -5.42 -16.24
CA GLN A 273 -9.66 -6.08 -17.29
C GLN A 273 -11.15 -6.17 -16.92
N LYS A 274 -11.46 -6.45 -15.66
CA LYS A 274 -12.85 -6.47 -15.22
C LYS A 274 -13.49 -5.09 -15.30
N LEU A 275 -12.71 -4.05 -14.99
CA LEU A 275 -13.23 -2.68 -15.13
C LEU A 275 -13.53 -2.36 -16.60
N LYS A 276 -12.66 -2.80 -17.51
CA LYS A 276 -12.88 -2.46 -18.91
C LYS A 276 -14.12 -3.15 -19.46
N GLU A 277 -14.49 -4.31 -18.89
CA GLU A 277 -15.69 -5.00 -19.35
C GLU A 277 -16.95 -4.26 -18.92
N ILE A 278 -16.94 -3.68 -17.72
CA ILE A 278 -18.10 -2.89 -17.28
C ILE A 278 -18.22 -1.59 -18.08
N ILE A 279 -17.09 -0.94 -18.37
CA ILE A 279 -17.14 0.32 -19.09
C ILE A 279 -17.67 0.11 -20.49
N LYS A 280 -17.22 -0.94 -21.17
CA LYS A 280 -17.77 -1.31 -22.46
C LYS A 280 -19.30 -1.43 -22.37
N ARG A 281 -19.78 -2.08 -21.30
CA ARG A 281 -21.20 -2.32 -21.09
C ARG A 281 -22.00 -1.06 -20.78
N GLN A 282 -21.35 -0.01 -20.27
CA GLN A 282 -22.05 1.14 -19.69
C GLN A 282 -21.64 2.39 -20.43
N PRO A 283 -22.44 2.87 -21.39
CA PRO A 283 -21.96 3.96 -22.26
C PRO A 283 -21.78 5.27 -21.51
N LYS A 284 -22.52 5.51 -20.44
CA LYS A 284 -22.28 6.68 -19.60
C LYS A 284 -21.34 6.27 -18.47
N HIS A 285 -20.07 6.65 -18.58
CA HIS A 285 -19.09 6.30 -17.57
C HIS A 285 -18.13 7.47 -17.41
N SER A 286 -17.41 7.47 -16.29
CA SER A 286 -16.39 8.46 -16.09
C SER A 286 -15.10 8.06 -16.79
N GLN A 287 -14.16 8.98 -16.84
CA GLN A 287 -12.88 8.85 -17.50
C GLN A 287 -11.79 9.21 -16.51
N PRO A 288 -10.54 8.76 -16.73
CA PRO A 288 -9.43 9.26 -15.92
C PRO A 288 -9.39 10.78 -15.92
N PRO A 289 -8.89 11.38 -14.85
CA PRO A 289 -8.31 10.65 -13.71
C PRO A 289 -9.29 10.20 -12.63
N VAL A 290 -10.55 10.64 -12.71
CA VAL A 290 -11.46 10.46 -11.58
C VAL A 290 -12.09 9.06 -11.55
N SER A 291 -12.12 8.38 -12.69
CA SER A 291 -12.75 7.06 -12.77
C SER A 291 -11.94 6.01 -12.00
N LEU A 292 -12.57 4.85 -11.79
CA LEU A 292 -11.88 3.75 -11.12
C LEU A 292 -10.67 3.27 -11.92
N ILE A 293 -10.79 3.22 -13.25
CA ILE A 293 -9.62 2.87 -14.04
C ILE A 293 -8.56 3.94 -13.87
N GLY A 294 -8.98 5.20 -13.76
CA GLY A 294 -8.06 6.26 -13.46
C GLY A 294 -7.34 6.06 -12.14
N GLN A 295 -8.02 5.47 -11.15
CA GLN A 295 -7.36 5.16 -9.88
C GLN A 295 -6.25 4.13 -10.08
N LEU A 296 -6.50 3.09 -10.89
CA LEU A 296 -5.44 2.15 -11.18
C LEU A 296 -4.30 2.81 -11.92
N MET A 297 -4.58 3.84 -12.72
CA MET A 297 -3.53 4.50 -13.47
C MET A 297 -2.72 5.45 -12.60
N TRP A 298 -3.31 5.93 -11.51
CA TRP A 298 -2.52 6.64 -10.53
C TRP A 298 -1.49 5.70 -9.89
N ARG A 299 -1.91 4.47 -9.62
CA ARG A 299 -0.96 3.50 -9.10
C ARG A 299 0.16 3.25 -10.11
N GLU A 300 -0.20 3.12 -11.40
CA GLU A 300 0.81 2.92 -12.44
C GLU A 300 1.72 4.13 -12.55
N PHE A 301 1.15 5.33 -12.42
CA PHE A 301 1.91 6.55 -12.59
C PHE A 301 3.03 6.64 -11.57
N TYR A 302 2.69 6.36 -10.30
CA TYR A 302 3.66 6.52 -9.23
C TYR A 302 4.68 5.40 -9.21
N TYR A 303 4.28 4.19 -9.60
CA TYR A 303 5.26 3.14 -9.76
C TYR A 303 6.28 3.51 -10.83
N THR A 304 5.88 4.27 -11.85
CA THR A 304 6.80 4.58 -12.93
C THR A 304 7.80 5.67 -12.54
N VAL A 305 7.33 6.76 -11.94
CA VAL A 305 8.29 7.75 -11.45
C VAL A 305 9.17 7.16 -10.37
N ALA A 306 8.59 6.31 -9.49
CA ALA A 306 9.38 5.72 -8.41
C ALA A 306 10.48 4.82 -8.95
N ALA A 307 10.21 4.09 -10.04
CA ALA A 307 11.20 3.15 -10.57
C ALA A 307 12.47 3.86 -11.02
N ALA A 308 12.35 5.13 -11.44
CA ALA A 308 13.46 5.95 -11.91
C ALA A 308 14.25 6.63 -10.80
N GLU A 309 13.82 6.57 -9.54
CA GLU A 309 14.45 7.35 -8.48
C GLU A 309 14.62 6.50 -7.22
N PRO A 310 15.84 6.01 -6.96
CA PRO A 310 16.04 5.16 -5.78
C PRO A 310 15.77 5.89 -4.47
N ASN A 311 15.90 7.22 -4.45
CA ASN A 311 15.69 8.04 -3.25
C ASN A 311 14.28 8.63 -3.22
N PHE A 312 13.33 7.93 -3.85
CA PHE A 312 12.00 8.45 -4.04
C PHE A 312 11.32 8.71 -2.71
N ASP A 313 11.67 7.95 -1.68
CA ASP A 313 11.04 8.09 -0.37
C ASP A 313 11.73 9.11 0.53
N ARG A 314 12.61 9.93 0.01
CA ARG A 314 13.17 10.94 0.88
C ARG A 314 13.35 12.25 0.14
N MET A 315 13.48 13.31 0.92
CA MET A 315 13.66 14.62 0.32
C MET A 315 15.05 14.75 -0.28
N LEU A 316 16.08 14.40 0.48
CA LEU A 316 17.45 14.63 0.03
C LEU A 316 17.83 13.62 -1.05
N GLY A 317 18.36 14.14 -2.18
CA GLY A 317 18.84 13.30 -3.25
C GLY A 317 17.77 12.80 -4.20
N ASN A 318 16.58 13.39 -4.14
CA ASN A 318 15.41 12.92 -4.86
C ASN A 318 15.16 13.91 -5.99
N VAL A 319 15.39 13.48 -7.24
CA VAL A 319 15.37 14.42 -8.37
C VAL A 319 14.02 15.13 -8.50
N TYR A 320 12.95 14.52 -8.01
CA TYR A 320 11.64 15.12 -8.21
C TYR A 320 11.30 16.18 -7.16
N CYS A 321 11.97 16.13 -6.01
CA CYS A 321 11.42 16.67 -4.77
C CYS A 321 11.96 18.06 -4.49
N MET A 322 11.06 19.02 -4.29
CA MET A 322 11.47 20.33 -3.83
C MET A 322 12.19 20.18 -2.50
N GLN A 323 13.28 20.93 -2.31
CA GLN A 323 13.97 20.96 -1.03
C GLN A 323 13.30 22.01 -0.14
N ILE A 324 12.68 21.59 0.96
CA ILE A 324 11.89 22.48 1.80
C ILE A 324 12.37 22.37 3.23
N PRO A 325 12.65 23.51 3.92
CA PRO A 325 13.22 23.51 5.29
C PRO A 325 12.15 23.22 6.33
N TRP A 326 11.68 21.98 6.30
CA TRP A 326 10.79 21.47 7.33
C TRP A 326 11.42 21.63 8.70
N GLN A 327 10.59 21.80 9.71
CA GLN A 327 11.09 22.02 11.06
C GLN A 327 10.88 20.78 11.89
N GLU A 328 11.70 20.65 12.94
CA GLU A 328 11.57 19.56 13.89
C GLU A 328 10.68 20.00 15.04
N HIS A 329 9.59 19.26 15.26
CA HIS A 329 8.76 19.49 16.46
C HIS A 329 8.30 18.16 17.00
N PRO A 330 9.06 17.56 17.91
CA PRO A 330 8.73 16.20 18.36
C PRO A 330 7.36 16.13 19.01
N ASP A 331 7.02 17.13 19.83
CA ASP A 331 5.74 17.12 20.52
C ASP A 331 4.56 17.24 19.57
N HIS A 332 4.65 18.09 18.53
CA HIS A 332 3.56 18.16 17.57
C HIS A 332 3.46 16.86 16.77
N LEU A 333 4.59 16.23 16.48
CA LEU A 333 4.54 15.00 15.68
C LEU A 333 3.92 13.88 16.50
N GLU A 334 4.23 13.81 17.79
CA GLU A 334 3.59 12.83 18.66
C GLU A 334 2.07 13.04 18.69
N ALA A 335 1.64 14.30 18.75
CA ALA A 335 0.22 14.59 18.84
C ALA A 335 -0.49 14.15 17.58
N TRP A 336 0.00 14.57 16.41
CA TRP A 336 -0.53 14.11 15.14
C TRP A 336 -0.47 12.59 15.03
N THR A 337 0.67 12.00 15.40
CA THR A 337 0.84 10.55 15.27
C THR A 337 -0.23 9.80 16.04
N HIS A 338 -0.59 10.29 17.23
CA HIS A 338 -1.55 9.60 18.07
C HIS A 338 -2.94 10.24 18.03
N GLY A 339 -3.17 11.16 17.10
CA GLY A 339 -4.49 11.76 16.96
C GLY A 339 -4.90 12.52 18.20
N ARG A 340 -3.97 13.31 18.74
CA ARG A 340 -4.25 14.17 19.88
C ARG A 340 -3.89 15.60 19.50
N THR A 341 -4.36 16.04 18.32
CA THR A 341 -4.05 17.39 17.85
C THR A 341 -5.00 18.44 18.38
N GLY A 342 -6.15 18.05 18.96
CA GLY A 342 -7.21 18.97 19.30
C GLY A 342 -8.10 19.35 18.13
N TYR A 343 -7.81 18.91 16.91
CA TYR A 343 -8.73 19.10 15.81
C TYR A 343 -9.51 17.80 15.61
N PRO A 344 -10.78 17.74 15.95
CA PRO A 344 -11.45 16.43 15.99
C PRO A 344 -11.45 15.71 14.65
N PHE A 345 -11.62 16.42 13.54
CA PHE A 345 -11.61 15.74 12.25
C PHE A 345 -10.29 15.05 12.03
N ILE A 346 -9.20 15.78 12.23
CA ILE A 346 -7.86 15.21 12.10
C ILE A 346 -7.69 14.03 13.05
N ASP A 347 -8.08 14.22 14.32
CA ASP A 347 -7.86 13.17 15.30
C ASP A 347 -8.69 11.93 14.97
N ALA A 348 -9.93 12.15 14.51
CA ALA A 348 -10.77 11.04 14.07
C ALA A 348 -10.05 10.22 13.00
N ILE A 349 -9.49 10.89 12.00
CA ILE A 349 -8.82 10.15 10.93
C ILE A 349 -7.62 9.38 11.46
N MET A 350 -6.81 9.99 12.31
CA MET A 350 -5.59 9.29 12.73
C MET A 350 -5.92 8.11 13.64
N ARG A 351 -7.02 8.20 14.39
CA ARG A 351 -7.43 7.05 15.18
C ARG A 351 -8.03 5.95 14.30
N GLN A 352 -8.82 6.32 13.29
CA GLN A 352 -9.30 5.28 12.37
C GLN A 352 -8.13 4.55 11.74
N LEU A 353 -7.09 5.30 11.37
CA LEU A 353 -5.89 4.71 10.77
C LEU A 353 -5.21 3.73 11.72
N ARG A 354 -4.93 4.18 12.94
CA ARG A 354 -4.25 3.32 13.89
C ARG A 354 -5.10 2.09 14.20
N GLN A 355 -6.41 2.27 14.34
CA GLN A 355 -7.25 1.17 14.74
C GLN A 355 -7.48 0.19 13.60
N GLU A 356 -7.74 0.69 12.40
CA GLU A 356 -8.25 -0.13 11.32
C GLU A 356 -7.28 -0.32 10.17
N GLY A 357 -6.25 0.51 10.07
CA GLY A 357 -5.26 0.32 9.04
C GLY A 357 -5.66 0.80 7.66
N TRP A 358 -6.83 1.42 7.53
CA TRP A 358 -7.21 2.02 6.25
C TRP A 358 -7.98 3.30 6.50
N ILE A 359 -7.67 4.32 5.71
CA ILE A 359 -8.49 5.53 5.70
C ILE A 359 -8.66 5.96 4.26
N HIS A 360 -9.73 6.71 4.01
CA HIS A 360 -10.08 7.12 2.66
C HIS A 360 -9.01 8.05 2.09
N HIS A 361 -8.92 8.08 0.76
CA HIS A 361 -7.95 8.93 0.07
C HIS A 361 -7.98 10.38 0.56
N LEU A 362 -9.17 10.99 0.62
CA LEU A 362 -9.21 12.39 1.02
C LEU A 362 -9.05 12.58 2.52
N ALA A 363 -9.24 11.52 3.31
CA ALA A 363 -8.83 11.57 4.71
C ALA A 363 -7.30 11.59 4.82
N ARG A 364 -6.62 10.82 3.98
CA ARG A 364 -5.16 10.92 3.92
C ARG A 364 -4.73 12.33 3.51
N HIS A 365 -5.43 12.95 2.55
CA HIS A 365 -5.14 14.32 2.17
C HIS A 365 -5.18 15.24 3.38
N ALA A 366 -6.23 15.10 4.19
CA ALA A 366 -6.45 16.05 5.27
C ALA A 366 -5.36 15.95 6.31
N VAL A 367 -5.03 14.73 6.74
CA VAL A 367 -4.06 14.59 7.82
C VAL A 367 -2.67 14.87 7.29
N ALA A 368 -2.45 14.63 6.01
CA ALA A 368 -1.14 14.88 5.41
C ALA A 368 -0.92 16.36 5.19
N CYS A 369 -1.95 17.06 4.72
CA CYS A 369 -1.81 18.50 4.60
C CYS A 369 -1.55 19.11 5.97
N PHE A 370 -2.29 18.67 6.98
CA PHE A 370 -2.12 19.20 8.33
C PHE A 370 -0.68 19.05 8.79
N LEU A 371 -0.11 17.85 8.64
CA LEU A 371 1.22 17.59 9.19
C LEU A 371 2.28 18.43 8.52
N THR A 372 2.13 18.67 7.22
CA THR A 372 3.19 19.22 6.39
C THR A 372 2.91 20.68 6.08
N ARG A 373 2.63 21.02 4.81
CA ARG A 373 2.55 22.44 4.43
C ARG A 373 1.38 23.17 5.08
N GLY A 374 0.36 22.44 5.55
CA GLY A 374 -0.83 23.10 6.09
C GLY A 374 -0.60 23.74 7.45
N ASP A 375 -0.13 22.96 8.43
CA ASP A 375 -0.22 23.40 9.82
C ASP A 375 1.06 23.20 10.60
N LEU A 376 1.58 21.98 10.66
CA LEU A 376 2.67 21.68 11.56
C LEU A 376 4.04 21.93 10.95
N TRP A 377 4.15 21.92 9.63
CA TRP A 377 5.43 22.16 8.94
C TRP A 377 6.44 21.06 9.28
N ILE A 378 5.97 19.85 9.44
CA ILE A 378 6.82 18.70 9.70
C ILE A 378 7.01 17.97 8.39
N SER A 379 8.20 17.39 8.21
CA SER A 379 8.52 16.78 6.93
C SER A 379 7.55 15.67 6.59
N TRP A 380 7.23 15.58 5.29
CA TRP A 380 6.39 14.49 4.80
C TRP A 380 7.03 13.12 5.06
N GLU A 381 8.36 13.07 5.12
CA GLU A 381 9.03 11.82 5.48
C GLU A 381 8.53 11.29 6.82
N GLU A 382 8.23 12.19 7.77
CA GLU A 382 7.71 11.73 9.06
C GLU A 382 6.28 11.18 8.93
N GLY A 383 5.43 11.84 8.13
CA GLY A 383 4.12 11.30 7.89
C GLY A 383 4.17 9.97 7.15
N GLN A 384 5.12 9.87 6.20
CA GLN A 384 5.31 8.60 5.49
C GLN A 384 5.64 7.47 6.45
N ARG A 385 6.48 7.75 7.45
CA ARG A 385 6.91 6.69 8.36
C ARG A 385 5.75 6.22 9.23
N VAL A 386 4.89 7.14 9.67
CA VAL A 386 3.71 6.73 10.44
C VAL A 386 2.75 5.98 9.53
N PHE A 387 2.52 6.49 8.33
CA PHE A 387 1.67 5.76 7.39
C PHE A 387 2.24 4.39 7.11
N GLU A 388 3.55 4.31 6.94
CA GLU A 388 4.16 3.01 6.67
C GLU A 388 3.83 2.01 7.77
N GLN A 389 3.85 2.46 9.03
CA GLN A 389 3.60 1.53 10.14
C GLN A 389 2.15 1.06 10.14
N LEU A 390 1.23 1.97 9.91
CA LEU A 390 -0.16 1.75 10.26
C LEU A 390 -1.01 1.26 9.11
N LEU A 391 -0.57 1.43 7.86
CA LEU A 391 -1.42 1.16 6.72
C LEU A 391 -1.33 -0.31 6.34
N LEU A 392 -2.49 -0.92 6.12
CA LEU A 392 -2.52 -2.25 5.52
C LEU A 392 -2.02 -2.20 4.08
N ASP A 393 -2.22 -1.08 3.42
CA ASP A 393 -1.85 -0.96 2.02
C ASP A 393 -0.52 -0.23 1.81
N GLN A 394 0.24 0.00 2.89
CA GLN A 394 1.57 0.59 2.83
C GLN A 394 2.26 0.21 1.53
N ASP A 395 2.59 1.17 0.70
CA ASP A 395 3.23 0.84 -0.56
C ASP A 395 4.33 1.86 -0.81
N TRP A 396 5.56 1.38 -0.94
CA TRP A 396 6.73 2.27 -1.00
C TRP A 396 6.50 3.41 -1.98
N ALA A 397 6.09 3.07 -3.21
CA ALA A 397 5.95 4.10 -4.24
C ALA A 397 4.74 5.00 -3.99
N LEU A 398 3.62 4.44 -3.55
CA LEU A 398 2.41 5.25 -3.39
C LEU A 398 2.48 6.15 -2.15
N ASN A 399 2.83 5.57 -0.99
CA ASN A 399 3.08 6.34 0.24
C ASN A 399 4.06 7.50 0.03
N ALA A 400 5.15 7.26 -0.71
CA ALA A 400 6.04 8.37 -1.05
C ALA A 400 5.38 9.36 -1.99
N GLY A 401 5.02 8.91 -3.19
CA GLY A 401 4.55 9.82 -4.22
C GLY A 401 3.41 10.71 -3.74
N ASN A 402 2.45 10.13 -3.00
CA ASN A 402 1.32 10.90 -2.53
C ASN A 402 1.70 11.86 -1.43
N TRP A 403 2.65 11.49 -0.56
CA TRP A 403 3.11 12.43 0.44
C TRP A 403 3.80 13.62 -0.21
N MET A 404 4.56 13.37 -1.29
CA MET A 404 5.18 14.45 -2.02
C MET A 404 4.12 15.35 -2.65
N TRP A 405 3.07 14.76 -3.21
CA TRP A 405 1.97 15.55 -3.75
C TRP A 405 1.33 16.38 -2.66
N LEU A 406 0.99 15.75 -1.53
CA LEU A 406 0.20 16.46 -0.53
C LEU A 406 1.01 17.59 0.10
N SER A 407 2.33 17.41 0.18
CA SER A 407 3.22 18.41 0.76
C SER A 407 3.63 19.48 -0.23
N ALA A 408 3.18 19.39 -1.48
CA ALA A 408 3.59 20.31 -2.53
C ALA A 408 5.09 20.22 -2.80
N SER A 409 5.67 19.03 -2.59
CA SER A 409 7.07 18.81 -2.87
C SER A 409 7.32 18.34 -4.29
N ALA A 410 6.34 17.73 -4.94
CA ALA A 410 6.44 17.35 -6.34
C ALA A 410 5.05 17.13 -6.89
N PHE A 411 4.94 17.24 -8.23
CA PHE A 411 3.72 16.88 -8.96
C PHE A 411 2.59 17.85 -8.73
N PHE A 412 2.48 18.37 -7.52
CA PHE A 412 1.43 19.31 -7.14
C PHE A 412 2.08 20.58 -6.59
N HIS A 413 1.70 21.73 -7.15
CA HIS A 413 2.40 22.97 -6.82
C HIS A 413 1.49 24.13 -6.40
N GLN A 414 0.18 23.89 -6.25
CA GLN A 414 -0.76 24.94 -5.84
C GLN A 414 -0.94 24.96 -4.31
N TYR A 415 0.17 25.19 -3.63
CA TYR A 415 0.22 25.13 -2.17
C TYR A 415 -0.62 26.23 -1.51
N PHE A 416 -1.13 27.20 -2.27
CA PHE A 416 -2.01 28.19 -1.64
C PHE A 416 -3.39 27.61 -1.33
N ARG A 417 -3.73 26.48 -1.95
CA ARG A 417 -4.96 25.78 -1.61
C ARG A 417 -4.68 24.90 -0.39
N VAL A 418 -5.31 25.22 0.75
CA VAL A 418 -5.04 24.53 2.00
C VAL A 418 -6.35 24.00 2.59
N TYR A 419 -6.36 22.71 2.92
CA TYR A 419 -7.51 22.11 3.57
C TYR A 419 -7.71 22.72 4.95
N SER A 420 -8.94 22.98 5.30
CA SER A 420 -9.25 23.39 6.68
C SER A 420 -9.54 22.17 7.53
N PRO A 421 -8.84 21.98 8.65
CA PRO A 421 -9.19 20.87 9.56
C PRO A 421 -10.55 21.00 10.19
N VAL A 422 -11.18 22.18 10.10
CA VAL A 422 -12.52 22.39 10.64
C VAL A 422 -13.61 22.25 9.56
N ALA A 423 -13.39 22.84 8.38
CA ALA A 423 -14.47 22.91 7.40
C ALA A 423 -14.51 21.72 6.45
N PHE A 424 -13.39 21.01 6.27
CA PHE A 424 -13.30 20.06 5.16
C PHE A 424 -14.23 18.87 5.34
N GLY A 425 -14.25 18.29 6.54
CA GLY A 425 -15.12 17.15 6.76
C GLY A 425 -16.59 17.48 6.76
N LYS A 426 -16.93 18.75 7.01
CA LYS A 426 -18.33 19.13 7.18
C LYS A 426 -19.14 18.90 5.90
N LYS A 427 -18.55 19.14 4.73
CA LYS A 427 -19.27 18.99 3.47
C LYS A 427 -19.99 17.65 3.39
N THR A 428 -19.31 16.58 3.76
CA THR A 428 -19.83 15.23 3.60
C THR A 428 -20.33 14.60 4.89
N ASP A 429 -20.08 15.22 6.06
CA ASP A 429 -20.52 14.68 7.34
C ASP A 429 -20.93 15.84 8.27
N PRO A 430 -21.94 16.63 7.86
CA PRO A 430 -22.28 17.82 8.67
C PRO A 430 -22.68 17.51 10.12
N GLN A 431 -23.10 16.28 10.42
CA GLN A 431 -23.43 15.89 11.79
C GLN A 431 -22.23 15.40 12.60
N GLY A 432 -21.13 15.08 11.94
CA GLY A 432 -19.97 14.56 12.64
C GLY A 432 -20.13 13.15 13.13
N HIS A 433 -20.87 12.31 12.40
CA HIS A 433 -21.02 10.90 12.80
C HIS A 433 -19.67 10.21 12.84
N TYR A 434 -18.79 10.54 11.89
CA TYR A 434 -17.44 9.99 11.88
C TYR A 434 -16.68 10.38 13.13
N ILE A 435 -16.70 11.66 13.49
CA ILE A 435 -16.00 12.10 14.69
C ILE A 435 -16.55 11.39 15.92
N ARG A 436 -17.89 11.31 16.05
CA ARG A 436 -18.50 10.62 17.18
C ARG A 436 -17.99 9.19 17.32
N LYS A 437 -17.77 8.53 16.21
CA LYS A 437 -17.33 7.13 16.25
C LYS A 437 -15.87 7.01 16.68
N TYR A 438 -14.99 7.84 16.11
CA TYR A 438 -13.56 7.65 16.36
C TYR A 438 -13.01 8.57 17.43
N VAL A 439 -13.76 9.60 17.83
CA VAL A 439 -13.42 10.41 19.00
C VAL A 439 -14.66 10.40 19.90
N PRO A 440 -14.96 9.29 20.58
CA PRO A 440 -16.23 9.20 21.30
C PRO A 440 -16.35 10.15 22.49
N GLU A 441 -15.23 10.61 23.07
CA GLU A 441 -15.28 11.58 24.17
C GLU A 441 -16.02 12.85 23.81
N LEU A 442 -16.20 13.13 22.52
CA LEU A 442 -16.95 14.29 22.04
C LEU A 442 -18.37 13.93 21.63
N SER A 443 -18.80 12.69 21.87
CA SER A 443 -20.01 12.20 21.22
C SER A 443 -21.25 12.99 21.61
N LYS A 444 -21.18 13.82 22.65
CA LYS A 444 -22.34 14.56 23.12
C LYS A 444 -22.36 16.00 22.61
N TYR A 445 -21.29 16.45 21.96
CA TYR A 445 -21.29 17.76 21.33
C TYR A 445 -22.28 17.81 20.18
N PRO A 446 -23.09 18.85 20.07
CA PRO A 446 -23.96 19.00 18.90
C PRO A 446 -23.16 19.37 17.65
N ALA A 447 -23.77 19.07 16.50
CA ALA A 447 -23.07 19.26 15.23
C ALA A 447 -22.50 20.68 15.10
N GLY A 448 -23.18 21.67 15.67
CA GLY A 448 -22.73 23.04 15.54
C GLY A 448 -21.28 23.26 15.96
N CYS A 449 -20.79 22.47 16.91
CA CYS A 449 -19.43 22.65 17.38
C CYS A 449 -18.65 21.35 17.53
N ILE A 450 -19.16 20.23 17.02
CA ILE A 450 -18.38 19.00 17.18
C ILE A 450 -17.06 19.10 16.42
N TYR A 451 -17.02 19.88 15.33
CA TYR A 451 -15.77 20.09 14.63
C TYR A 451 -14.88 21.15 15.30
N GLU A 452 -15.45 21.96 16.20
CA GLU A 452 -14.73 23.07 16.83
C GLU A 452 -15.16 23.15 18.29
N PRO A 453 -14.83 22.14 19.09
CA PRO A 453 -15.37 22.11 20.47
C PRO A 453 -14.89 23.25 21.34
N TRP A 454 -13.81 23.93 20.99
CA TRP A 454 -13.42 25.15 21.72
C TRP A 454 -14.43 26.28 21.55
N LYS A 455 -15.45 26.14 20.71
CA LYS A 455 -16.50 27.17 20.63
C LYS A 455 -17.65 26.89 21.57
N ALA A 456 -17.60 25.78 22.31
CA ALA A 456 -18.50 25.49 23.41
C ALA A 456 -17.97 26.12 24.68
N SER A 457 -18.83 26.88 25.38
CA SER A 457 -18.48 27.43 26.68
C SER A 457 -18.07 26.32 27.64
N LEU A 458 -17.27 26.69 28.64
CA LEU A 458 -16.88 25.77 29.71
C LEU A 458 -18.09 25.05 30.30
N VAL A 459 -19.21 25.76 30.48
CA VAL A 459 -20.36 25.12 31.09
C VAL A 459 -20.87 24.00 30.21
N ASP A 460 -20.93 24.24 28.90
CA ASP A 460 -21.41 23.24 27.97
C ASP A 460 -20.45 22.05 27.85
N GLN A 461 -19.14 22.33 27.91
CA GLN A 461 -18.13 21.27 27.87
C GLN A 461 -18.25 20.35 29.07
N ARG A 462 -18.60 20.90 30.23
CA ARG A 462 -18.88 20.05 31.39
C ARG A 462 -20.20 19.30 31.21
N ALA A 463 -21.16 19.93 30.54
CA ALA A 463 -22.44 19.30 30.28
C ALA A 463 -22.31 18.16 29.28
N TYR A 464 -21.44 18.31 28.27
CA TYR A 464 -21.20 17.23 27.33
C TYR A 464 -20.21 16.19 27.85
N GLY A 465 -19.74 16.35 29.09
CA GLY A 465 -18.79 15.41 29.67
C GLY A 465 -17.42 15.35 29.01
N CYS A 466 -16.98 16.43 28.39
CA CYS A 466 -15.64 16.44 27.78
C CYS A 466 -15.12 17.87 27.88
N VAL A 467 -14.29 18.12 28.90
CA VAL A 467 -13.64 19.40 29.12
C VAL A 467 -12.35 19.42 28.32
N LEU A 468 -12.23 20.36 27.37
CA LEU A 468 -10.98 20.51 26.63
C LEU A 468 -9.82 20.75 27.58
N GLY A 469 -8.67 20.15 27.25
CA GLY A 469 -7.50 20.16 28.10
C GLY A 469 -7.49 19.09 29.19
N THR A 470 -8.61 18.43 29.44
CA THR A 470 -8.69 17.32 30.39
C THR A 470 -9.10 16.02 29.71
N ASP A 471 -10.29 15.98 29.13
CA ASP A 471 -10.81 14.79 28.49
C ASP A 471 -10.45 14.74 27.00
N TYR A 472 -10.25 15.91 26.38
CA TYR A 472 -9.85 16.03 24.97
C TYR A 472 -8.89 17.20 24.87
N PRO A 473 -7.83 17.09 24.09
CA PRO A 473 -6.76 18.10 24.15
C PRO A 473 -7.21 19.42 23.53
N HIS A 474 -6.55 20.49 23.97
CA HIS A 474 -6.59 21.76 23.25
C HIS A 474 -5.88 21.61 21.90
N ARG A 475 -6.31 22.41 20.92
CA ARG A 475 -5.60 22.54 19.65
C ARG A 475 -4.12 22.79 19.91
N ILE A 476 -3.26 21.99 19.29
CA ILE A 476 -1.82 22.18 19.44
C ILE A 476 -1.30 23.37 18.64
N VAL A 477 -2.03 23.80 17.62
CA VAL A 477 -1.78 25.04 16.89
C VAL A 477 -3.13 25.60 16.47
N LYS A 478 -3.14 26.87 16.09
CA LYS A 478 -4.31 27.54 15.54
C LYS A 478 -4.17 27.61 14.03
N HIS A 479 -5.01 26.86 13.33
CA HIS A 479 -4.93 26.73 11.88
C HIS A 479 -4.93 28.09 11.20
N GLU A 480 -5.80 28.99 11.67
CA GLU A 480 -5.96 30.30 11.05
C GLU A 480 -4.68 31.11 11.11
N VAL A 481 -3.80 30.83 12.07
CA VAL A 481 -2.51 31.52 12.15
C VAL A 481 -1.43 30.78 11.37
N VAL A 482 -1.22 29.50 11.66
CA VAL A 482 -0.05 28.82 11.09
C VAL A 482 -0.19 28.57 9.60
N HIS A 483 -1.41 28.34 9.10
CA HIS A 483 -1.48 27.98 7.68
C HIS A 483 -1.09 29.17 6.81
N LYS A 484 -1.40 30.39 7.24
CA LYS A 484 -0.98 31.57 6.49
C LYS A 484 0.53 31.75 6.56
N GLU A 485 1.11 31.60 7.76
CA GLU A 485 2.57 31.62 7.87
C GLU A 485 3.21 30.57 6.97
N ASN A 486 2.61 29.37 6.90
CA ASN A 486 3.24 28.31 6.12
C ASN A 486 3.16 28.56 4.62
N ILE A 487 2.11 29.24 4.17
CA ILE A 487 2.05 29.61 2.76
C ILE A 487 3.23 30.50 2.40
N LYS A 488 3.55 31.47 3.26
CA LYS A 488 4.71 32.31 3.00
C LYS A 488 6.01 31.52 3.06
N ARG A 489 6.12 30.56 3.99
CA ARG A 489 7.31 29.71 4.04
C ARG A 489 7.44 28.89 2.77
N MET A 490 6.32 28.41 2.23
CA MET A 490 6.33 27.65 0.99
C MET A 490 6.80 28.50 -0.18
N GLY A 491 6.28 29.72 -0.26
CA GLY A 491 6.72 30.63 -1.30
C GLY A 491 8.20 30.87 -1.28
N ALA A 492 8.77 31.11 -0.08
CA ALA A 492 10.21 31.30 0.02
C ALA A 492 10.95 30.04 -0.41
N ALA A 493 10.47 28.86 0.02
CA ALA A 493 11.08 27.61 -0.39
C ALA A 493 11.08 27.47 -1.92
N TYR A 494 9.95 27.81 -2.55
CA TYR A 494 9.82 27.68 -4.00
C TYR A 494 10.75 28.66 -4.73
N LYS A 495 11.05 29.79 -4.11
CA LYS A 495 11.95 30.76 -4.72
C LYS A 495 13.38 30.26 -4.69
N VAL A 496 13.81 29.75 -3.54
CA VAL A 496 15.15 29.18 -3.42
C VAL A 496 15.34 28.04 -4.42
N ASN A 497 14.37 27.13 -4.51
CA ASN A 497 14.53 26.02 -5.43
C ASN A 497 14.55 26.49 -6.88
N ARG A 498 13.85 27.58 -7.19
CA ARG A 498 13.83 28.07 -8.57
C ARG A 498 15.14 28.73 -8.96
N GLU A 499 15.84 29.34 -8.01
CA GLU A 499 17.11 30.00 -8.31
C GLU A 499 18.27 29.02 -8.39
N VAL A 500 18.11 27.81 -7.87
CA VAL A 500 19.13 26.77 -7.96
C VAL A 500 18.85 25.86 -9.15
PA FAD B . -9.99 3.25 -4.84
O1A FAD B . -10.42 4.66 -5.02
O2A FAD B . -11.07 2.21 -4.72
O5B FAD B . -8.94 2.90 -6.00
C5B FAD B . -8.61 1.57 -6.45
C4B FAD B . -7.11 1.40 -6.41
O4B FAD B . -6.45 2.44 -7.20
C3B FAD B . -6.46 1.51 -5.03
O3B FAD B . -6.60 0.27 -4.35
C2B FAD B . -5.01 1.82 -5.42
O2B FAD B . -4.33 0.65 -5.83
C1B FAD B . -5.21 2.75 -6.61
N9A FAD B . -5.25 4.15 -6.21
C8A FAD B . -6.34 4.87 -5.82
N7A FAD B . -6.03 6.11 -5.51
C5A FAD B . -4.67 6.21 -5.72
C6A FAD B . -3.74 7.26 -5.59
N6A FAD B . -4.06 8.49 -5.22
N1A FAD B . -2.44 6.98 -5.87
C2A FAD B . -2.11 5.74 -6.26
N3A FAD B . -2.89 4.67 -6.43
C4A FAD B . -4.17 4.98 -6.14
N1 FAD B . -2.20 4.05 -1.61
C2 FAD B . -1.69 2.85 -1.28
O2 FAD B . -2.10 1.84 -1.84
N3 FAD B . -0.65 2.70 -0.41
C4 FAD B . -0.13 3.77 0.28
O4 FAD B . 0.81 3.59 1.06
C4X FAD B . -0.72 5.03 0.04
N5 FAD B . -0.27 6.06 0.70
C5X FAD B . -0.90 7.25 0.52
C6 FAD B . -0.45 8.36 1.28
C7 FAD B . -1.02 9.60 1.11
C7M FAD B . -0.54 10.77 1.94
C8 FAD B . -2.08 9.76 0.19
C8M FAD B . -2.74 11.10 0.01
C9 FAD B . -2.48 8.70 -0.59
C9A FAD B . -1.92 7.43 -0.43
N10 FAD B . -2.34 6.32 -1.17
C10 FAD B . -1.76 5.10 -0.94
C1' FAD B . -3.30 6.51 -2.28
C2' FAD B . -4.76 6.34 -2.00
O2' FAD B . -5.15 7.21 -0.95
C3' FAD B . -5.09 4.88 -1.69
O3' FAD B . -4.68 4.06 -2.78
C4' FAD B . -6.60 4.70 -1.61
O4' FAD B . -7.12 5.44 -0.51
C5' FAD B . -6.92 3.23 -1.49
O5' FAD B . -8.29 3.13 -1.17
P FAD B . -9.25 2.37 -2.18
O1P FAD B . -8.60 1.10 -2.44
O2P FAD B . -10.65 2.36 -1.68
O3P FAD B . -9.06 3.18 -3.54
C1 GOL C . -4.92 12.55 -5.69
O1 GOL C . -5.94 13.47 -5.29
C2 GOL C . -3.54 12.96 -5.22
O2 GOL C . -3.17 12.28 -4.02
C3 GOL C . -2.49 12.76 -6.30
O3 GOL C . -2.32 11.38 -6.65
H11 GOL C . -4.91 12.50 -6.68
H12 GOL C . -5.13 11.65 -5.34
HO1 GOL C . -6.67 13.19 -5.60
H2 GOL C . -3.56 13.92 -4.97
HO2 GOL C . -3.19 11.44 -4.17
H31 GOL C . -1.62 13.11 -5.98
H32 GOL C . -2.75 13.27 -7.10
HO3 GOL C . -3.07 11.07 -6.87
#